data_481D
# 
_entry.id   481D 
# 
_audit_conform.dict_name       mmcif_pdbx.dic 
_audit_conform.dict_version    5.389 
_audit_conform.dict_location   http://mmcif.pdb.org/dictionaries/ascii/mmcif_pdbx.dic 
# 
loop_
_database_2.database_id 
_database_2.database_code 
_database_2.pdbx_database_accession 
_database_2.pdbx_DOI 
PDB   481D         pdb_0000481d 10.2210/pdb481d/pdb 
NDB   HD0001       ?            ?                   
RCSB  RCSB001246   ?            ?                   
WWPDB D_1000001246 ?            ?                   
# 
loop_
_pdbx_audit_revision_history.ordinal 
_pdbx_audit_revision_history.data_content_type 
_pdbx_audit_revision_history.major_revision 
_pdbx_audit_revision_history.minor_revision 
_pdbx_audit_revision_history.revision_date 
1 'Structure model' 1 0 2002-04-27 
2 'Structure model' 1 1 2008-04-26 
3 'Structure model' 1 2 2011-07-13 
4 'Structure model' 1 3 2023-12-27 
5 'Structure model' 1 4 2024-04-03 
# 
_pdbx_audit_revision_details.ordinal             1 
_pdbx_audit_revision_details.revision_ordinal    1 
_pdbx_audit_revision_details.data_content_type   'Structure model' 
_pdbx_audit_revision_details.provider            repository 
_pdbx_audit_revision_details.type                'Initial release' 
_pdbx_audit_revision_details.description         ? 
_pdbx_audit_revision_details.details             ? 
# 
loop_
_pdbx_audit_revision_group.ordinal 
_pdbx_audit_revision_group.revision_ordinal 
_pdbx_audit_revision_group.data_content_type 
_pdbx_audit_revision_group.group 
1 2 'Structure model' 'Version format compliance' 
2 3 'Structure model' 'Version format compliance' 
3 4 'Structure model' 'Data collection'           
4 4 'Structure model' 'Database references'       
5 4 'Structure model' 'Derived calculations'      
6 5 'Structure model' 'Refinement description'    
# 
loop_
_pdbx_audit_revision_category.ordinal 
_pdbx_audit_revision_category.revision_ordinal 
_pdbx_audit_revision_category.data_content_type 
_pdbx_audit_revision_category.category 
1 4 'Structure model' chem_comp_atom                
2 4 'Structure model' chem_comp_bond                
3 4 'Structure model' database_2                    
4 4 'Structure model' diffrn_source                 
5 4 'Structure model' struct_conn                   
6 5 'Structure model' pdbx_initial_refinement_model 
# 
loop_
_pdbx_audit_revision_item.ordinal 
_pdbx_audit_revision_item.revision_ordinal 
_pdbx_audit_revision_item.data_content_type 
_pdbx_audit_revision_item.item 
1 4 'Structure model' '_database_2.pdbx_DOI'                 
2 4 'Structure model' '_database_2.pdbx_database_accession'  
3 4 'Structure model' '_diffrn_source.pdbx_synchrotron_site' 
4 4 'Structure model' '_struct_conn.pdbx_leaving_atom_flag'  
# 
_pdbx_database_status.status_code                     REL 
_pdbx_database_status.entry_id                        481D 
_pdbx_database_status.recvd_initial_deposition_date   1999-07-23 
_pdbx_database_status.deposit_site                    NDB 
_pdbx_database_status.process_site                    NDB 
_pdbx_database_status.status_code_sf                  REL 
_pdbx_database_status.SG_entry                        . 
_pdbx_database_status.pdb_format_compatible           Y 
_pdbx_database_status.status_code_mr                  ? 
_pdbx_database_status.status_code_cs                  ? 
_pdbx_database_status.status_code_nmr_data            ? 
_pdbx_database_status.methods_development_category    ? 
# 
loop_
_audit_author.name 
_audit_author.pdbx_ordinal 
'Declercq, R.'     1 
'Van Meervelt, L.' 2 
# 
loop_
_citation.id 
_citation.title 
_citation.journal_abbrev 
_citation.journal_volume 
_citation.page_first 
_citation.page_last 
_citation.year 
_citation.journal_id_ASTM 
_citation.country 
_citation.journal_id_ISSN 
_citation.journal_id_CSD 
_citation.book_publisher 
_citation.pdbx_database_id_PubMed 
_citation.pdbx_database_id_DOI 
primary 'Crystal structure of double helical hexitol nucleic acids.' J.Am.Chem.Soc.             124 928  933  2002 JACSAT US 
0002-7863 0004 ? 11829600 10.1021/ja016570w         
1       
;1',5'-Anhydrohexitol Nucleic Acids, a New Promising Antisense Construct
;
Angew.Chem.Int.Ed.Engl.    34  1338 1342 1995 ACIEAY GE 0570-0833 0179 ? ?        10.1002/anie.199513381    
2       
;1',5'-Anhydro-2',3'-Dideoxy-2'-(Guanin-9-Yl)-D-Arabino Hexitol
;
'Acta Crystallogr.,Sect.C' 52  1213 1214 1995 ACSCEE DK 0108-2701 0591 ? ?        10.1107/S0108270195015101 
3       
'Molecular Dynamics Simulation to Investigate Differences in Groove Hydration of HNA/RNA Hybrids as Compared to HNA/DNA Complexes' 
J.Am.Chem.Soc.             120 5381 ?    1998 JACSAT US 0002-7863 0004 ? ?        10.1021/ja973721f         
4       
;Oligonucleotides with 1',5'-Anhydrohexitol Nucleoside Building Blocks: Crystallisation and Preliminary X-Ray Studies of h(GTGTACAC)
;
'Acta Crystallogr.,Sect.D' 55  279  ?    1999 ABCRE6 DK 0907-4449 0766 ? ?        ?                         
# 
loop_
_citation_author.citation_id 
_citation_author.name 
_citation_author.ordinal 
_citation_author.identifier_ORCID 
primary 'Declercq, R.'     1  ? 
primary 'Van Aerschot, A.' 2  ? 
primary 'Read, R.J.'       3  ? 
primary 'Herdewijn, P.'    4  ? 
primary 'Van Meervelt, L.' 5  ? 
1       'Van Aerschot, A.' 6  ? 
1       'Verheggen, I.'    7  ? 
1       'Hendrix, C.'      8  ? 
1       'Herdewijn, P.'    9  ? 
2       'Declercq, R.'     10 ? 
2       'Herdewijn, P.'    11 ? 
2       'Van Meervelt, L.' 12 ? 
3       'De Winter, H.'    13 ? 
3       'Lescrinier, E.'   14 ? 
3       'Van Aerschot, A.' 15 ? 
3       'Herdewijn, P'     16 ? 
4       'Declercq, R.'     17 ? 
4       'Van Aerschot, A.' 18 ? 
4       'Herdewijn, P.'    19 ? 
4       'Van Meervelt, L.' 20 ? 
# 
loop_
_entity.id 
_entity.type 
_entity.src_method 
_entity.pdbx_description 
_entity.formula_weight 
_entity.pdbx_number_of_molecules 
_entity.pdbx_ec 
_entity.pdbx_mutation 
_entity.pdbx_fragment 
_entity.details 
1 polymer syn "5'-H(*(6HG)P*(6HT)P*(6HG)P*(6HT)P*(6HA)P*(6HC)P*(6HA)P*(6HC))-3'" 2538.831 1  ? ? ? 
'THE SUGAR MOIETIES ARE NOT DEOXYRIBOSE BUT D-ARABINO-HEXITOL' 
2 water   nat water                                                              18.015   40 ? ? ? ? 
# 
_entity_poly.entity_id                      1 
_entity_poly.type                           polydeoxyribonucleotide 
_entity_poly.nstd_linkage                   no 
_entity_poly.nstd_monomer                   yes 
_entity_poly.pdbx_seq_one_letter_code       '(6HG)(6HT)(6HG)(6HT)(6HA)(6HC)(6HA)(6HC)' 
_entity_poly.pdbx_seq_one_letter_code_can   GTGTACAC 
_entity_poly.pdbx_strand_id                 A 
_entity_poly.pdbx_target_identifier         ? 
# 
_pdbx_entity_nonpoly.entity_id   2 
_pdbx_entity_nonpoly.name        water 
_pdbx_entity_nonpoly.comp_id     HOH 
# 
loop_
_entity_poly_seq.entity_id 
_entity_poly_seq.num 
_entity_poly_seq.mon_id 
_entity_poly_seq.hetero 
1 1 6HG n 
1 2 6HT n 
1 3 6HG n 
1 4 6HT n 
1 5 6HA n 
1 6 6HC n 
1 7 6HA n 
1 8 6HC n 
# 
loop_
_chem_comp.id 
_chem_comp.type 
_chem_comp.mon_nstd_flag 
_chem_comp.name 
_chem_comp.pdbx_synonyms 
_chem_comp.formula 
_chem_comp.formula_weight 
6HA 'DNA linking' n "1',5'-ANHYDRO-2',3'-DIDEOXY-2'-(ADENIN-9-YL)-6'-O-PHOSPHORYL-D-ARABINO-HEXITOL"  ? 'C11 H16 N5 O6 P' 345.248 
6HC 'DNA linking' n "1',5'-ANHYDRO-2',3'-DIDEOXY-2'-(CYTOSIN-1-YL)-6'-O-PHOSPHORYL-D-ARABINO-HEXITOL" ? 'C10 H16 N3 O7 P' 321.224 
6HG 'DNA linking' n "1',5'-ANHYDRO-2',3'-DIDEOXY-2'-(GUANIN-9-YL)-6'-O-PHOSPHORYL-D-ARABINO-HEXITOL"  ? 'C11 H16 N5 O7 P' 361.248 
6HT 'DNA linking' n "1',5'-ANHYDRO-2',3'-DIDEOXY-2'-(THYMIN-1-YL)-6'-O-PHOSPHORYL-D-ARABINO-HEXITOL"  ? 'C11 H17 N2 O8 P' 336.235 
HOH non-polymer   . WATER                                                                             ? 'H2 O'            18.015  
# 
loop_
_pdbx_poly_seq_scheme.asym_id 
_pdbx_poly_seq_scheme.entity_id 
_pdbx_poly_seq_scheme.seq_id 
_pdbx_poly_seq_scheme.mon_id 
_pdbx_poly_seq_scheme.ndb_seq_num 
_pdbx_poly_seq_scheme.pdb_seq_num 
_pdbx_poly_seq_scheme.auth_seq_num 
_pdbx_poly_seq_scheme.pdb_mon_id 
_pdbx_poly_seq_scheme.auth_mon_id 
_pdbx_poly_seq_scheme.pdb_strand_id 
_pdbx_poly_seq_scheme.pdb_ins_code 
_pdbx_poly_seq_scheme.hetero 
A 1 1 6HG 1 1 1 6HG 6HG A . n 
A 1 2 6HT 2 2 2 6HT 6HT A . n 
A 1 3 6HG 3 3 3 6HG 6HG A . n 
A 1 4 6HT 4 4 4 6HT 6HT A . n 
A 1 5 6HA 5 5 5 6HA 6HA A . n 
A 1 6 6HC 6 6 6 6HC 6HC A . n 
A 1 7 6HA 7 7 7 6HA 6HA A . n 
A 1 8 6HC 8 8 8 6HC 6HC A . n 
# 
loop_
_pdbx_nonpoly_scheme.asym_id 
_pdbx_nonpoly_scheme.entity_id 
_pdbx_nonpoly_scheme.mon_id 
_pdbx_nonpoly_scheme.ndb_seq_num 
_pdbx_nonpoly_scheme.pdb_seq_num 
_pdbx_nonpoly_scheme.auth_seq_num 
_pdbx_nonpoly_scheme.pdb_mon_id 
_pdbx_nonpoly_scheme.auth_mon_id 
_pdbx_nonpoly_scheme.pdb_strand_id 
_pdbx_nonpoly_scheme.pdb_ins_code 
B 2 HOH 1  9  9  HOH HOH A . 
B 2 HOH 2  10 10 HOH HOH A . 
B 2 HOH 3  11 11 HOH HOH A . 
B 2 HOH 4  12 12 HOH HOH A . 
B 2 HOH 5  13 13 HOH HOH A . 
B 2 HOH 6  14 14 HOH HOH A . 
B 2 HOH 7  15 15 HOH HOH A . 
B 2 HOH 8  16 16 HOH HOH A . 
B 2 HOH 9  17 17 HOH HOH A . 
B 2 HOH 10 18 18 HOH HOH A . 
B 2 HOH 11 19 19 HOH HOH A . 
B 2 HOH 12 20 20 HOH HOH A . 
B 2 HOH 13 21 21 HOH HOH A . 
B 2 HOH 14 22 22 HOH HOH A . 
B 2 HOH 15 23 23 HOH HOH A . 
B 2 HOH 16 24 24 HOH HOH A . 
B 2 HOH 17 25 25 HOH HOH A . 
B 2 HOH 18 26 26 HOH HOH A . 
B 2 HOH 19 27 27 HOH HOH A . 
B 2 HOH 20 28 28 HOH HOH A . 
B 2 HOH 21 29 29 HOH HOH A . 
B 2 HOH 22 30 30 HOH HOH A . 
B 2 HOH 23 31 31 HOH HOH A . 
B 2 HOH 24 32 32 HOH HOH A . 
B 2 HOH 25 33 33 HOH HOH A . 
B 2 HOH 26 34 34 HOH HOH A . 
B 2 HOH 27 35 35 HOH HOH A . 
B 2 HOH 28 36 36 HOH HOH A . 
B 2 HOH 29 37 37 HOH HOH A . 
B 2 HOH 30 39 39 HOH HOH A . 
B 2 HOH 31 40 40 HOH HOH A . 
B 2 HOH 32 41 41 HOH HOH A . 
B 2 HOH 33 42 42 HOH HOH A . 
B 2 HOH 34 43 43 HOH HOH A . 
B 2 HOH 35 44 44 HOH HOH A . 
B 2 HOH 36 45 45 HOH HOH A . 
B 2 HOH 37 46 46 HOH HOH A . 
B 2 HOH 38 47 47 HOH HOH A . 
B 2 HOH 39 48 48 HOH HOH A . 
B 2 HOH 40 49 49 HOH HOH A . 
# 
loop_
_software.name 
_software.classification 
_software.version 
_software.citation_id 
_software.pdbx_ordinal 
BRUTE     'model building' . ? 1 
SHELXL-97 refinement       . ? 2 
DENZO     'data reduction' . ? 3 
SCALEPACK 'data scaling'   . ? 4 
BRUTE     phasing          . ? 5 
# 
_cell.entry_id           481D 
_cell.length_a           33.041 
_cell.length_b           33.041 
_cell.length_c           38.924 
_cell.angle_alpha        90.00 
_cell.angle_beta         90.00 
_cell.angle_gamma        120.00 
_cell.Z_PDB              6 
_cell.pdbx_unique_axis   ? 
# 
_symmetry.entry_id                         481D 
_symmetry.space_group_name_H-M             'P 32 1 2' 
_symmetry.pdbx_full_space_group_name_H-M   ? 
_symmetry.cell_setting                     trigonal 
_symmetry.Int_Tables_number                153 
# 
_exptl.entry_id          481D 
_exptl.method            'X-RAY DIFFRACTION' 
_exptl.crystals_number   1 
# 
_exptl_crystal.id                    1 
_exptl_crystal.density_meas          ? 
_exptl_crystal.density_percent_sol   49.09 
_exptl_crystal.density_Matthews      2.42 
_exptl_crystal.description           ? 
# 
_exptl_crystal_grow.crystal_id      1 
_exptl_crystal_grow.method          'VAPOR DIFFUSION, HANGING DROP' 
_exptl_crystal_grow.temp            ? 
_exptl_crystal_grow.temp_details    ? 
_exptl_crystal_grow.pH              7.0 
_exptl_crystal_grow.pdbx_details    
;CRYSTALS WERE OBTAINED FROM A SOLUTION THAT CONTAINED CACODYLATE BUFFER, KCL, BACL2, SPERMINE TETRACHLORIDE, AND MPD, pH 7.0, VAPOR DIFFUSION, HANGING DROP
;
_exptl_crystal_grow.pdbx_pH_range   . 
# 
loop_
_exptl_crystal_grow_comp.crystal_id 
_exptl_crystal_grow_comp.id 
_exptl_crystal_grow_comp.sol_id 
_exptl_crystal_grow_comp.name 
_exptl_crystal_grow_comp.volume 
_exptl_crystal_grow_comp.conc 
_exptl_crystal_grow_comp.details 
1 1 1 'CACODYLATE BUFFER' ? ? ? 
1 2 1 KCL                 ? ? ? 
1 3 1 BACL2               ? ? ? 
1 4 1 SPERMINE            ? ? ? 
1 5 1 MPD                 ? ? ? 
1 6 2 MPD                 ? ? ? 
# 
_diffrn.id                     1 
_diffrn.ambient_temp           100 
_diffrn.ambient_temp_details   ? 
_diffrn.crystal_id             1 
# 
_diffrn_detector.diffrn_id              1 
_diffrn_detector.detector               'IMAGE PLATE' 
_diffrn_detector.type                   MARRESEARCH 
_diffrn_detector.pdbx_collection_date   1998-10-22 
_diffrn_detector.details                ? 
# 
_diffrn_radiation.diffrn_id                        1 
_diffrn_radiation.wavelength_id                    1 
_diffrn_radiation.pdbx_monochromatic_or_laue_m_l   M 
_diffrn_radiation.monochromator                    MIRRORS 
_diffrn_radiation.pdbx_diffrn_protocol             'SINGLE WAVELENGTH' 
_diffrn_radiation.pdbx_scattering_type             x-ray 
# 
_diffrn_radiation_wavelength.id           1 
_diffrn_radiation_wavelength.wavelength   0.8375 
_diffrn_radiation_wavelength.wt           1.0 
# 
_diffrn_source.diffrn_id                   1 
_diffrn_source.source                      SYNCHROTRON 
_diffrn_source.type                        'EMBL/DESY, HAMBURG BEAMLINE BW7B' 
_diffrn_source.pdbx_synchrotron_site       'EMBL/DESY, HAMBURG' 
_diffrn_source.pdbx_synchrotron_beamline   BW7B 
_diffrn_source.pdbx_wavelength             0.8375 
_diffrn_source.pdbx_wavelength_list        ? 
# 
_reflns.entry_id                     481D 
_reflns.observed_criterion_sigma_I   0 
_reflns.observed_criterion_sigma_F   ? 
_reflns.d_resolution_low             20 
_reflns.d_resolution_high            1.6 
_reflns.number_obs                   3345 
_reflns.number_all                   3345 
_reflns.percent_possible_obs         99.9 
_reflns.pdbx_Rmerge_I_obs            0.0710000 
_reflns.pdbx_Rsym_value              ? 
_reflns.pdbx_netI_over_sigmaI        13.2 
_reflns.B_iso_Wilson_estimate        ? 
_reflns.pdbx_redundancy              8.5 
_reflns.R_free_details               ? 
_reflns.pdbx_diffrn_id               1 
_reflns.pdbx_ordinal                 1 
# 
_reflns_shell.d_res_high             1.60 
_reflns_shell.d_res_low              1.63 
_reflns_shell.percent_possible_all   100 
_reflns_shell.Rmerge_I_obs           0.1730000 
_reflns_shell.pdbx_Rsym_value        ? 
_reflns_shell.meanI_over_sigI_obs    6.6 
_reflns_shell.pdbx_redundancy        4.4 
_reflns_shell.percent_possible_obs   ? 
_reflns_shell.number_unique_all      ? 
_reflns_shell.pdbx_diffrn_id         ? 
_reflns_shell.pdbx_ordinal           1 
# 
_refine.entry_id                                 481D 
_refine.ls_number_reflns_obs                     3330 
_refine.ls_number_reflns_all                     3330 
_refine.pdbx_ls_sigma_I                          ? 
_refine.pdbx_ls_sigma_F                          0.0 
_refine.pdbx_data_cutoff_high_absF               ? 
_refine.pdbx_data_cutoff_low_absF                ? 
_refine.pdbx_data_cutoff_high_rms_absF           ? 
_refine.ls_d_res_low                             20.00 
_refine.ls_d_res_high                            1.60 
_refine.ls_percent_reflns_obs                    99.9 
_refine.ls_R_factor_obs                          0.1828000 
_refine.ls_R_factor_all                          0.1835000 
_refine.ls_R_factor_R_work                       ? 
_refine.ls_R_factor_R_free                       0.2287000 
_refine.ls_R_factor_R_free_error                 ? 
_refine.ls_R_factor_R_free_error_details         ? 
_refine.ls_percent_reflns_R_free                 9.8 
_refine.ls_number_reflns_R_free                  325 
_refine.ls_number_parameters                     843 
_refine.ls_number_restraints                     1426 
_refine.occupancy_min                            ? 
_refine.occupancy_max                            ? 
_refine.B_iso_mean                               ? 
_refine.aniso_B[1][1]                            ? 
_refine.aniso_B[2][2]                            ? 
_refine.aniso_B[3][3]                            ? 
_refine.aniso_B[1][2]                            ? 
_refine.aniso_B[1][3]                            ? 
_refine.aniso_B[2][3]                            ? 
_refine.solvent_model_details                    'BULK SOLVENT MODELING: MOEWS & KRETSINGER, J.MOL.BIOL. 91, 201-228 (1973)' 
_refine.solvent_model_param_ksol                 ? 
_refine.solvent_model_param_bsol                 ? 
_refine.pdbx_ls_cross_valid_method               'FREE R' 
_refine.details                                  ? 
_refine.pdbx_starting_model                      '2.21A P 62 2 2 STRUCTURE OF H(GTGTACAC) (NDB CODE HD0002) WAS USED AS MODEL' 
_refine.pdbx_method_to_determine_struct          ? 
_refine.pdbx_isotropic_thermal_model             ? 
_refine.pdbx_stereochemistry_target_values       ? 
_refine.pdbx_stereochem_target_val_spec_case     
'ALL OTHER CHEMICALLY EQUIVALENT BOND DISTANCES AND ANGLES WERE RESTRAINED TO BE SIMILAR BY SAME DISTANCE RESTRAINTS' 
_refine.pdbx_R_Free_selection_details            RANDOM 
_refine.pdbx_overall_ESU_R                       ? 
_refine.pdbx_overall_ESU_R_Free                  ? 
_refine.overall_SU_ML                            ? 
_refine.overall_SU_B                             ? 
_refine.ls_redundancy_reflns_obs                 ? 
_refine.correlation_coeff_Fo_to_Fc               ? 
_refine.overall_SU_R_Cruickshank_DPI             ? 
_refine.overall_SU_R_free                        ? 
_refine.correlation_coeff_Fo_to_Fc_free          ? 
_refine.pdbx_solvent_vdw_probe_radii             ? 
_refine.pdbx_solvent_ion_probe_radii             ? 
_refine.pdbx_solvent_shrinkage_radii             ? 
_refine.pdbx_refine_id                           'X-RAY DIFFRACTION' 
_refine.pdbx_diffrn_id                           1 
_refine.pdbx_TLS_residual_ADP_flag               ? 
_refine.pdbx_overall_phase_error                 ? 
_refine.pdbx_overall_SU_R_free_Cruickshank_DPI   ? 
_refine.pdbx_overall_SU_R_Blow_DPI               ? 
_refine.pdbx_overall_SU_R_free_Blow_DPI          ? 
# 
_refine_analyze.entry_id                        481D 
_refine_analyze.Luzzati_coordinate_error_obs    ? 
_refine_analyze.Luzzati_sigma_a_obs             ? 
_refine_analyze.Luzzati_d_res_low_obs           ? 
_refine_analyze.Luzzati_coordinate_error_free   ? 
_refine_analyze.Luzzati_sigma_a_free            ? 
_refine_analyze.Luzzati_d_res_low_free          ? 
_refine_analyze.number_disordered_residues      ? 
_refine_analyze.occupancy_sum_hydrogen          0. 
_refine_analyze.occupancy_sum_non_hydrogen      210. 
_refine_analyze.pdbx_refine_id                  'X-RAY DIFFRACTION' 
# 
_refine_hist.pdbx_refine_id                   'X-RAY DIFFRACTION' 
_refine_hist.cycle_id                         LAST 
_refine_hist.pdbx_number_atoms_protein        0 
_refine_hist.pdbx_number_atoms_nucleic_acid   169 
_refine_hist.pdbx_number_atoms_ligand         0 
_refine_hist.number_atoms_solvent             40 
_refine_hist.number_atoms_total               209 
_refine_hist.d_res_high                       1.60 
_refine_hist.d_res_low                        20.00 
# 
loop_
_refine_ls_restr.type 
_refine_ls_restr.dev_ideal 
_refine_ls_restr.dev_ideal_target 
_refine_ls_restr.weight 
_refine_ls_restr.number 
_refine_ls_restr.pdbx_refine_id 
_refine_ls_restr.pdbx_restraint_function 
s_bond_d               0.013 ? ? ? 'X-RAY DIFFRACTION' ? 
s_angle_d              0.019 ? ? ? 'X-RAY DIFFRACTION' ? 
s_similar_dist         0.046 ? ? ? 'X-RAY DIFFRACTION' ? 
s_from_restr_planes    0.026 ? ? ? 'X-RAY DIFFRACTION' ? 
s_zero_chiral_vol      ?     ? ? ? 'X-RAY DIFFRACTION' ? 
s_non_zero_chiral_vol  ?     ? ? ? 'X-RAY DIFFRACTION' ? 
s_anti_bump_dis_restr  0.011 ? ? ? 'X-RAY DIFFRACTION' ? 
s_rigid_bond_adp_cmpnt ?     ? ? ? 'X-RAY DIFFRACTION' ? 
s_similar_adp_cmpnt    0.031 ? ? ? 'X-RAY DIFFRACTION' ? 
s_approx_iso_adps      ?     ? ? ? 'X-RAY DIFFRACTION' ? 
# 
_pdbx_refine.entry_id                                    481D 
_pdbx_refine.R_factor_all_no_cutoff                      0.1840000 
_pdbx_refine.R_factor_obs_no_cutoff                      0.1830000 
_pdbx_refine.free_R_factor_no_cutoff                     0.2290000 
_pdbx_refine.free_R_val_test_set_size_perc_no_cutoff     9.8 
_pdbx_refine.free_R_val_test_set_ct_no_cutoff            325 
_pdbx_refine.R_factor_all_4sig_cutoff                    0.1735000 
_pdbx_refine.R_factor_obs_4sig_cutoff                    0.1729000 
_pdbx_refine.free_R_factor_4sig_cutoff                   0.2136000 
_pdbx_refine.free_R_val_test_set_size_perc_4sig_cutoff   9.9 
_pdbx_refine.free_R_val_test_set_ct_4sig_cutoff          297 
_pdbx_refine.number_reflns_obs_4sig_cutoff               3011 
_pdbx_refine.number_reflns_obs_no_cutoff                 ? 
_pdbx_refine.pdbx_refine_id                              'X-RAY DIFFRACTION' 
_pdbx_refine.free_R_error_no_cutoff                      ? 
# 
_struct.entry_id                  481D 
_struct.title                     'CRYSTAL STRUCTURE OF A HEXITOL NUCLEIC ACID (HNA) DUPLEX AT 1.6A RESOLUTION' 
_struct.pdbx_model_details        ? 
_struct.pdbx_CASP_flag            ? 
_struct.pdbx_model_type_details   ? 
# 
_struct_keywords.entry_id        481D 
_struct_keywords.pdbx_keywords   DNA 
_struct_keywords.text            'HEXITOL NUCLEIC ACID, DNA ANALOGUE, DOUBLE HELIX, DNA' 
# 
loop_
_struct_asym.id 
_struct_asym.pdbx_blank_PDB_chainid_flag 
_struct_asym.pdbx_modified 
_struct_asym.entity_id 
_struct_asym.details 
A N N 1 ? 
B N N 2 ? 
# 
_struct_ref.id                         1 
_struct_ref.entity_id                  1 
_struct_ref.db_name                    PDB 
_struct_ref.db_code                    481D 
_struct_ref.pdbx_db_accession          481D 
_struct_ref.pdbx_db_isoform            ? 
_struct_ref.pdbx_seq_one_letter_code   ? 
_struct_ref.pdbx_align_begin           ? 
# 
_struct_ref_seq.align_id                      1 
_struct_ref_seq.ref_id                        1 
_struct_ref_seq.pdbx_PDB_id_code              481D 
_struct_ref_seq.pdbx_strand_id                A 
_struct_ref_seq.seq_align_beg                 1 
_struct_ref_seq.pdbx_seq_align_beg_ins_code   ? 
_struct_ref_seq.seq_align_end                 8 
_struct_ref_seq.pdbx_seq_align_end_ins_code   ? 
_struct_ref_seq.pdbx_db_accession             481D 
_struct_ref_seq.db_align_beg                  1 
_struct_ref_seq.pdbx_db_align_beg_ins_code    ? 
_struct_ref_seq.db_align_end                  8 
_struct_ref_seq.pdbx_db_align_end_ins_code    ? 
_struct_ref_seq.pdbx_auth_seq_align_beg       1 
_struct_ref_seq.pdbx_auth_seq_align_end       8 
# 
_pdbx_struct_assembly.id                   1 
_pdbx_struct_assembly.details              author_defined_assembly 
_pdbx_struct_assembly.method_details       ? 
_pdbx_struct_assembly.oligomeric_details   dimeric 
_pdbx_struct_assembly.oligomeric_count     2 
# 
_pdbx_struct_assembly_gen.assembly_id       1 
_pdbx_struct_assembly_gen.oper_expression   1,2 
_pdbx_struct_assembly_gen.asym_id_list      A,B 
# 
loop_
_pdbx_struct_oper_list.id 
_pdbx_struct_oper_list.type 
_pdbx_struct_oper_list.name 
_pdbx_struct_oper_list.symmetry_operation 
_pdbx_struct_oper_list.matrix[1][1] 
_pdbx_struct_oper_list.matrix[1][2] 
_pdbx_struct_oper_list.matrix[1][3] 
_pdbx_struct_oper_list.vector[1] 
_pdbx_struct_oper_list.matrix[2][1] 
_pdbx_struct_oper_list.matrix[2][2] 
_pdbx_struct_oper_list.matrix[2][3] 
_pdbx_struct_oper_list.vector[2] 
_pdbx_struct_oper_list.matrix[3][1] 
_pdbx_struct_oper_list.matrix[3][2] 
_pdbx_struct_oper_list.matrix[3][3] 
_pdbx_struct_oper_list.vector[3] 
1 'identity operation'         1_555 x,y,z    1.0000000000 0.0000000000 0.0000000000 0.0000000000  0.0000000000 1.0000000000  0.0000000000 0.0000000000 0.0000000000 0.0000000000 1.0000000000  0.0000000000 
2 'crystal symmetry operation' 6_555 x,x-y,-z 0.2693325483 0.4387534844 0.8572953740 -4.4165980489 0.4387534844 -0.8483418547 0.2963300146 1.4686190417 0.8572953740 0.2963300146 -0.4209906936 5.7877017478 
# 
_struct_biol.id                    1 
_struct_biol.pdbx_parent_biol_id   ? 
_struct_biol.details               ? 
# 
loop_
_struct_conn.id 
_struct_conn.conn_type_id 
_struct_conn.pdbx_leaving_atom_flag 
_struct_conn.pdbx_PDB_id 
_struct_conn.ptnr1_label_asym_id 
_struct_conn.ptnr1_label_comp_id 
_struct_conn.ptnr1_label_seq_id 
_struct_conn.ptnr1_label_atom_id 
_struct_conn.pdbx_ptnr1_label_alt_id 
_struct_conn.pdbx_ptnr1_PDB_ins_code 
_struct_conn.pdbx_ptnr1_standard_comp_id 
_struct_conn.ptnr1_symmetry 
_struct_conn.ptnr2_label_asym_id 
_struct_conn.ptnr2_label_comp_id 
_struct_conn.ptnr2_label_seq_id 
_struct_conn.ptnr2_label_atom_id 
_struct_conn.pdbx_ptnr2_label_alt_id 
_struct_conn.pdbx_ptnr2_PDB_ins_code 
_struct_conn.ptnr1_auth_asym_id 
_struct_conn.ptnr1_auth_comp_id 
_struct_conn.ptnr1_auth_seq_id 
_struct_conn.ptnr2_auth_asym_id 
_struct_conn.ptnr2_auth_comp_id 
_struct_conn.ptnr2_auth_seq_id 
_struct_conn.ptnr2_symmetry 
_struct_conn.pdbx_ptnr3_label_atom_id 
_struct_conn.pdbx_ptnr3_label_seq_id 
_struct_conn.pdbx_ptnr3_label_comp_id 
_struct_conn.pdbx_ptnr3_label_asym_id 
_struct_conn.pdbx_ptnr3_label_alt_id 
_struct_conn.pdbx_ptnr3_PDB_ins_code 
_struct_conn.details 
_struct_conn.pdbx_dist_value 
_struct_conn.pdbx_value_order 
_struct_conn.pdbx_role 
covale1  covale both ? A 6HG 1 "O3'" ? ? ? 1_555 A 6HT 2 P  ? ? A 6HG 1 A 6HT 2 1_555 ? ? ? ? ? ? ?            1.588 ? ? 
covale2  covale both ? A 6HT 2 "O3'" ? ? ? 1_555 A 6HG 3 P  ? ? A 6HT 2 A 6HG 3 1_555 ? ? ? ? ? ? ?            1.601 ? ? 
covale3  covale both ? A 6HG 3 "O3'" ? ? ? 1_555 A 6HT 4 P  ? ? A 6HG 3 A 6HT 4 1_555 ? ? ? ? ? ? ?            1.581 ? ? 
covale4  covale both ? A 6HT 4 "O3'" ? ? ? 1_555 A 6HA 5 P  ? ? A 6HT 4 A 6HA 5 1_555 ? ? ? ? ? ? ?            1.592 ? ? 
covale5  covale both ? A 6HA 5 "O3'" ? ? ? 1_555 A 6HC 6 P  ? ? A 6HA 5 A 6HC 6 1_555 ? ? ? ? ? ? ?            1.592 ? ? 
covale6  covale both ? A 6HC 6 "O3'" ? ? ? 1_555 A 6HA 7 P  ? ? A 6HC 6 A 6HA 7 1_555 ? ? ? ? ? ? ?            1.587 ? ? 
covale7  covale both ? A 6HA 7 "O3'" ? ? ? 1_555 A 6HC 8 P  ? ? A 6HA 7 A 6HC 8 1_555 ? ? ? ? ? ? ?            1.598 ? ? 
hydrog1  hydrog ?    ? A 6HG 1 N1    ? ? ? 1_555 A 6HC 8 N3 ? ? A 6HG 1 A 6HC 8 6_555 ? ? ? ? ? ? WATSON-CRICK ?     ? ? 
hydrog2  hydrog ?    ? A 6HG 1 N2    ? ? ? 1_555 A 6HC 8 O2 ? ? A 6HG 1 A 6HC 8 6_555 ? ? ? ? ? ? WATSON-CRICK ?     ? ? 
hydrog3  hydrog ?    ? A 6HG 1 O6    ? ? ? 1_555 A 6HC 8 N4 ? ? A 6HG 1 A 6HC 8 6_555 ? ? ? ? ? ? WATSON-CRICK ?     ? ? 
hydrog4  hydrog ?    ? A 6HT 2 N3    ? ? ? 1_555 A 6HA 7 N1 ? ? A 6HT 2 A 6HA 7 6_555 ? ? ? ? ? ? WATSON-CRICK ?     ? ? 
hydrog5  hydrog ?    ? A 6HT 2 O4    ? ? ? 1_555 A 6HA 7 N6 ? ? A 6HT 2 A 6HA 7 6_555 ? ? ? ? ? ? WATSON-CRICK ?     ? ? 
hydrog6  hydrog ?    ? A 6HG 3 N1    ? ? ? 1_555 A 6HC 6 N3 ? ? A 6HG 3 A 6HC 6 6_555 ? ? ? ? ? ? WATSON-CRICK ?     ? ? 
hydrog7  hydrog ?    ? A 6HG 3 N2    ? ? ? 1_555 A 6HC 6 O2 ? ? A 6HG 3 A 6HC 6 6_555 ? ? ? ? ? ? WATSON-CRICK ?     ? ? 
hydrog8  hydrog ?    ? A 6HG 3 O6    ? ? ? 1_555 A 6HC 6 N4 ? ? A 6HG 3 A 6HC 6 6_555 ? ? ? ? ? ? WATSON-CRICK ?     ? ? 
hydrog9  hydrog ?    ? A 6HT 4 N3    ? ? ? 1_555 A 6HA 5 N1 ? ? A 6HT 4 A 6HA 5 6_555 ? ? ? ? ? ? WATSON-CRICK ?     ? ? 
hydrog10 hydrog ?    ? A 6HT 4 O4    ? ? ? 1_555 A 6HA 5 N6 ? ? A 6HT 4 A 6HA 5 6_555 ? ? ? ? ? ? WATSON-CRICK ?     ? ? 
hydrog11 hydrog ?    ? A 6HA 5 N1    ? ? ? 1_555 A 6HT 4 N3 ? ? A 6HA 5 A 6HT 4 6_555 ? ? ? ? ? ? WATSON-CRICK ?     ? ? 
hydrog12 hydrog ?    ? A 6HA 5 N6    ? ? ? 1_555 A 6HT 4 O4 ? ? A 6HA 5 A 6HT 4 6_555 ? ? ? ? ? ? WATSON-CRICK ?     ? ? 
hydrog13 hydrog ?    ? A 6HC 6 N3    ? ? ? 1_555 A 6HG 3 N1 ? ? A 6HC 6 A 6HG 3 6_555 ? ? ? ? ? ? WATSON-CRICK ?     ? ? 
hydrog14 hydrog ?    ? A 6HC 6 N4    ? ? ? 1_555 A 6HG 3 O6 ? ? A 6HC 6 A 6HG 3 6_555 ? ? ? ? ? ? WATSON-CRICK ?     ? ? 
hydrog15 hydrog ?    ? A 6HC 6 O2    ? ? ? 1_555 A 6HG 3 N2 ? ? A 6HC 6 A 6HG 3 6_555 ? ? ? ? ? ? WATSON-CRICK ?     ? ? 
hydrog16 hydrog ?    ? A 6HA 7 N1    ? ? ? 1_555 A 6HT 2 N3 ? ? A 6HA 7 A 6HT 2 6_555 ? ? ? ? ? ? WATSON-CRICK ?     ? ? 
hydrog17 hydrog ?    ? A 6HA 7 N6    ? ? ? 1_555 A 6HT 2 O4 ? ? A 6HA 7 A 6HT 2 6_555 ? ? ? ? ? ? WATSON-CRICK ?     ? ? 
hydrog18 hydrog ?    ? A 6HC 8 N3    ? ? ? 1_555 A 6HG 1 N1 ? ? A 6HC 8 A 6HG 1 6_555 ? ? ? ? ? ? WATSON-CRICK ?     ? ? 
hydrog19 hydrog ?    ? A 6HC 8 N4    ? ? ? 1_555 A 6HG 1 O6 ? ? A 6HC 8 A 6HG 1 6_555 ? ? ? ? ? ? WATSON-CRICK ?     ? ? 
hydrog20 hydrog ?    ? A 6HC 8 O2    ? ? ? 1_555 A 6HG 1 N2 ? ? A 6HC 8 A 6HG 1 6_555 ? ? ? ? ? ? WATSON-CRICK ?     ? ? 
# 
loop_
_struct_conn_type.id 
_struct_conn_type.criteria 
_struct_conn_type.reference 
covale ? ? 
hydrog ? ? 
# 
_pdbx_validate_rmsd_angle.id                         1 
_pdbx_validate_rmsd_angle.PDB_model_num              1 
_pdbx_validate_rmsd_angle.auth_atom_id_1             "O3'" 
_pdbx_validate_rmsd_angle.auth_asym_id_1             A 
_pdbx_validate_rmsd_angle.auth_comp_id_1             6HC 
_pdbx_validate_rmsd_angle.auth_seq_id_1              6 
_pdbx_validate_rmsd_angle.PDB_ins_code_1             ? 
_pdbx_validate_rmsd_angle.label_alt_id_1             ? 
_pdbx_validate_rmsd_angle.auth_atom_id_2             P 
_pdbx_validate_rmsd_angle.auth_asym_id_2             A 
_pdbx_validate_rmsd_angle.auth_comp_id_2             6HA 
_pdbx_validate_rmsd_angle.auth_seq_id_2              7 
_pdbx_validate_rmsd_angle.PDB_ins_code_2             ? 
_pdbx_validate_rmsd_angle.label_alt_id_2             ? 
_pdbx_validate_rmsd_angle.auth_atom_id_3             OP2 
_pdbx_validate_rmsd_angle.auth_asym_id_3             A 
_pdbx_validate_rmsd_angle.auth_comp_id_3             6HA 
_pdbx_validate_rmsd_angle.auth_seq_id_3              7 
_pdbx_validate_rmsd_angle.PDB_ins_code_3             ? 
_pdbx_validate_rmsd_angle.label_alt_id_3             ? 
_pdbx_validate_rmsd_angle.angle_value                117.70 
_pdbx_validate_rmsd_angle.angle_target_value         110.50 
_pdbx_validate_rmsd_angle.angle_deviation            7.20 
_pdbx_validate_rmsd_angle.angle_standard_deviation   1.10 
_pdbx_validate_rmsd_angle.linker_flag                Y 
# 
loop_
_pdbx_struct_mod_residue.id 
_pdbx_struct_mod_residue.label_asym_id 
_pdbx_struct_mod_residue.label_comp_id 
_pdbx_struct_mod_residue.label_seq_id 
_pdbx_struct_mod_residue.auth_asym_id 
_pdbx_struct_mod_residue.auth_comp_id 
_pdbx_struct_mod_residue.auth_seq_id 
_pdbx_struct_mod_residue.PDB_ins_code 
_pdbx_struct_mod_residue.parent_comp_id 
_pdbx_struct_mod_residue.details 
1 A 6HG 1 A 6HG 1 ? DG ? 
2 A 6HT 2 A 6HT 2 ? DT ? 
3 A 6HG 3 A 6HG 3 ? DG ? 
4 A 6HT 4 A 6HT 4 ? DT ? 
5 A 6HA 5 A 6HA 5 ? DA ? 
6 A 6HC 6 A 6HC 6 ? DC ? 
7 A 6HA 7 A 6HA 7 ? DA ? 
8 A 6HC 8 A 6HC 8 ? DC ? 
# 
loop_
_chem_comp_atom.comp_id 
_chem_comp_atom.atom_id 
_chem_comp_atom.type_symbol 
_chem_comp_atom.pdbx_aromatic_flag 
_chem_comp_atom.pdbx_stereo_config 
_chem_comp_atom.pdbx_ordinal 
6HA P      P N N 1   
6HA OP1    O N N 2   
6HA OP2    O N N 3   
6HA OP3    O N N 4   
6HA "O5'"  O N N 5   
6HA "C5'"  C N N 6   
6HA "C4'"  C N R 7   
6HA "O4'"  O N N 8   
6HA "C3'"  C N S 9   
6HA "O3'"  O N N 10  
6HA "C2'"  C N N 11  
6HA "C1'"  C N S 12  
6HA "C6'"  C N N 13  
6HA N9     N Y N 14  
6HA C8     C Y N 15  
6HA N7     N Y N 16  
6HA C5     C Y N 17  
6HA C6     C Y N 18  
6HA N6     N N N 19  
6HA N1     N Y N 20  
6HA C2     C Y N 21  
6HA N3     N Y N 22  
6HA C4     C Y N 23  
6HA HOP2   H N N 24  
6HA HOP3   H N N 25  
6HA "H5'"  H N N 26  
6HA "H5''" H N N 27  
6HA "H4'"  H N N 28  
6HA "H3'"  H N N 29  
6HA "HO3'" H N N 30  
6HA "H2'"  H N N 31  
6HA "H2''" H N N 32  
6HA "H1'"  H N N 33  
6HA "H6'1" H N N 34  
6HA "H6'2" H N N 35  
6HA H8     H N N 36  
6HA H61    H N N 37  
6HA H62    H N N 38  
6HA H2     H N N 39  
6HC P      P N N 40  
6HC OP1    O N N 41  
6HC OP2    O N N 42  
6HC OP3    O N N 43  
6HC "O5'"  O N N 44  
6HC "C5'"  C N N 45  
6HC "C4'"  C N R 46  
6HC "O4'"  O N N 47  
6HC "C3'"  C N S 48  
6HC "O3'"  O N N 49  
6HC "C2'"  C N N 50  
6HC "C1'"  C N S 51  
6HC "C6'"  C N N 52  
6HC N1     N N N 53  
6HC C2     C N N 54  
6HC O2     O N N 55  
6HC N3     N N N 56  
6HC C4     C N N 57  
6HC N4     N N N 58  
6HC C5     C N N 59  
6HC C6     C N N 60  
6HC HOP2   H N N 61  
6HC HOP3   H N N 62  
6HC "H5'"  H N N 63  
6HC "H5''" H N N 64  
6HC "H4'"  H N N 65  
6HC "H3'"  H N N 66  
6HC "HO3'" H N N 67  
6HC "H2'"  H N N 68  
6HC "H2''" H N N 69  
6HC "H1'"  H N N 70  
6HC "H6'1" H N N 71  
6HC "H6'2" H N N 72  
6HC H41    H N N 73  
6HC H42    H N N 74  
6HC H5     H N N 75  
6HC H6     H N N 76  
6HG P      P N N 77  
6HG OP1    O N N 78  
6HG OP2    O N N 79  
6HG OP3    O N N 80  
6HG "O5'"  O N N 81  
6HG "C5'"  C N N 82  
6HG "C4'"  C N R 83  
6HG "O4'"  O N N 84  
6HG "C3'"  C N S 85  
6HG "O3'"  O N N 86  
6HG "C2'"  C N N 87  
6HG "C1'"  C N S 88  
6HG "C6'"  C N N 89  
6HG N9     N Y N 90  
6HG C8     C Y N 91  
6HG N7     N Y N 92  
6HG C5     C Y N 93  
6HG C6     C N N 94  
6HG O6     O N N 95  
6HG N1     N N N 96  
6HG C2     C N N 97  
6HG N2     N N N 98  
6HG N3     N N N 99  
6HG C4     C Y N 100 
6HG HOP2   H N N 101 
6HG HOP3   H N N 102 
6HG "H5'"  H N N 103 
6HG "H5''" H N N 104 
6HG "H4'"  H N N 105 
6HG "H3'"  H N N 106 
6HG "HO3'" H N N 107 
6HG "H2'"  H N N 108 
6HG "H2''" H N N 109 
6HG "H1'"  H N N 110 
6HG "H6'1" H N N 111 
6HG "H6'2" H N N 112 
6HG H8     H N N 113 
6HG H1     H N N 114 
6HG H21    H N N 115 
6HG H22    H N N 116 
6HT P      P N N 117 
6HT OP1    O N N 118 
6HT OP2    O N N 119 
6HT OP3    O N N 120 
6HT "O5'"  O N N 121 
6HT "C5'"  C N N 122 
6HT "C4'"  C N R 123 
6HT "O4'"  O N N 124 
6HT "C3'"  C N S 125 
6HT "O3'"  O N N 126 
6HT "C2'"  C N N 127 
6HT "C1'"  C N S 128 
6HT "C6'"  C N N 129 
6HT N1     N N N 130 
6HT C2     C N N 131 
6HT O2     O N N 132 
6HT N3     N N N 133 
6HT C4     C N N 134 
6HT O4     O N N 135 
6HT C5     C N N 136 
6HT C5M    C N N 137 
6HT C6     C N N 138 
6HT HOP2   H N N 139 
6HT HOP3   H N N 140 
6HT "H5'"  H N N 141 
6HT "H5''" H N N 142 
6HT "H4'"  H N N 143 
6HT "H3'"  H N N 144 
6HT "HO3'" H N N 145 
6HT "H2'"  H N N 146 
6HT "H2''" H N N 147 
6HT "H1'"  H N N 148 
6HT "H6'1" H N N 149 
6HT "H6'2" H N N 150 
6HT H3     H N N 151 
6HT H71    H N N 152 
6HT H72    H N N 153 
6HT H73    H N N 154 
6HT H6     H N N 155 
HOH O      O N N 156 
HOH H1     H N N 157 
HOH H2     H N N 158 
# 
loop_
_chem_comp_bond.comp_id 
_chem_comp_bond.atom_id_1 
_chem_comp_bond.atom_id_2 
_chem_comp_bond.value_order 
_chem_comp_bond.pdbx_aromatic_flag 
_chem_comp_bond.pdbx_stereo_config 
_chem_comp_bond.pdbx_ordinal 
6HA P     OP1    doub N N 1   
6HA P     OP2    sing N N 2   
6HA P     OP3    sing N N 3   
6HA P     "O5'"  sing N N 4   
6HA OP2   HOP2   sing N N 5   
6HA OP3   HOP3   sing N N 6   
6HA "O5'" "C5'"  sing N N 7   
6HA "C5'" "C4'"  sing N N 8   
6HA "C5'" "H5'"  sing N N 9   
6HA "C5'" "H5''" sing N N 10  
6HA "C4'" "O4'"  sing N N 11  
6HA "C4'" "C3'"  sing N N 12  
6HA "C4'" "H4'"  sing N N 13  
6HA "O4'" "C6'"  sing N N 14  
6HA "C3'" "O3'"  sing N N 15  
6HA "C3'" "C2'"  sing N N 16  
6HA "C3'" "H3'"  sing N N 17  
6HA "O3'" "HO3'" sing N N 18  
6HA "C2'" "C1'"  sing N N 19  
6HA "C2'" "H2'"  sing N N 20  
6HA "C2'" "H2''" sing N N 21  
6HA "C1'" "C6'"  sing N N 22  
6HA "C1'" N9     sing N N 23  
6HA "C1'" "H1'"  sing N N 24  
6HA "C6'" "H6'1" sing N N 25  
6HA "C6'" "H6'2" sing N N 26  
6HA N9    C8     sing Y N 27  
6HA N9    C4     sing Y N 28  
6HA C8    N7     doub Y N 29  
6HA C8    H8     sing N N 30  
6HA N7    C5     sing Y N 31  
6HA C5    C6     sing Y N 32  
6HA C5    C4     doub Y N 33  
6HA C6    N6     sing N N 34  
6HA C6    N1     doub Y N 35  
6HA N6    H61    sing N N 36  
6HA N6    H62    sing N N 37  
6HA N1    C2     sing Y N 38  
6HA C2    N3     doub Y N 39  
6HA C2    H2     sing N N 40  
6HA N3    C4     sing Y N 41  
6HC P     OP1    doub N N 42  
6HC P     OP2    sing N N 43  
6HC P     OP3    sing N N 44  
6HC P     "O5'"  sing N N 45  
6HC OP2   HOP2   sing N N 46  
6HC OP3   HOP3   sing N N 47  
6HC "O5'" "C5'"  sing N N 48  
6HC "C5'" "C4'"  sing N N 49  
6HC "C5'" "H5'"  sing N N 50  
6HC "C5'" "H5''" sing N N 51  
6HC "C4'" "O4'"  sing N N 52  
6HC "C4'" "C3'"  sing N N 53  
6HC "C4'" "H4'"  sing N N 54  
6HC "O4'" "C6'"  sing N N 55  
6HC "C3'" "O3'"  sing N N 56  
6HC "C3'" "C2'"  sing N N 57  
6HC "C3'" "H3'"  sing N N 58  
6HC "O3'" "HO3'" sing N N 59  
6HC "C2'" "C1'"  sing N N 60  
6HC "C2'" "H2'"  sing N N 61  
6HC "C2'" "H2''" sing N N 62  
6HC "C1'" "C6'"  sing N N 63  
6HC "C1'" N1     sing N N 64  
6HC "C1'" "H1'"  sing N N 65  
6HC "C6'" "H6'1" sing N N 66  
6HC "C6'" "H6'2" sing N N 67  
6HC N1    C2     sing N N 68  
6HC N1    C6     sing N N 69  
6HC C2    O2     doub N N 70  
6HC C2    N3     sing N N 71  
6HC N3    C4     doub N N 72  
6HC C4    N4     sing N N 73  
6HC C4    C5     sing N N 74  
6HC N4    H41    sing N N 75  
6HC N4    H42    sing N N 76  
6HC C5    C6     doub N N 77  
6HC C5    H5     sing N N 78  
6HC C6    H6     sing N N 79  
6HG P     OP1    doub N N 80  
6HG P     OP2    sing N N 81  
6HG P     OP3    sing N N 82  
6HG P     "O5'"  sing N N 83  
6HG OP2   HOP2   sing N N 84  
6HG OP3   HOP3   sing N N 85  
6HG "O5'" "C5'"  sing N N 86  
6HG "C5'" "C4'"  sing N N 87  
6HG "C5'" "H5'"  sing N N 88  
6HG "C5'" "H5''" sing N N 89  
6HG "C4'" "O4'"  sing N N 90  
6HG "C4'" "C3'"  sing N N 91  
6HG "C4'" "H4'"  sing N N 92  
6HG "O4'" "C6'"  sing N N 93  
6HG "C3'" "O3'"  sing N N 94  
6HG "C3'" "C2'"  sing N N 95  
6HG "C3'" "H3'"  sing N N 96  
6HG "O3'" "HO3'" sing N N 97  
6HG "C2'" "C1'"  sing N N 98  
6HG "C2'" "H2'"  sing N N 99  
6HG "C2'" "H2''" sing N N 100 
6HG "C1'" "C6'"  sing N N 101 
6HG "C1'" N9     sing N N 102 
6HG "C1'" "H1'"  sing N N 103 
6HG "C6'" "H6'1" sing N N 104 
6HG "C6'" "H6'2" sing N N 105 
6HG N9    C8     sing Y N 106 
6HG N9    C4     sing Y N 107 
6HG C8    N7     doub Y N 108 
6HG C8    H8     sing N N 109 
6HG N7    C5     sing Y N 110 
6HG C5    C6     sing N N 111 
6HG C5    C4     doub Y N 112 
6HG C6    O6     doub N N 113 
6HG C6    N1     sing N N 114 
6HG N1    C2     sing N N 115 
6HG N1    H1     sing N N 116 
6HG C2    N2     sing N N 117 
6HG C2    N3     doub N N 118 
6HG N2    H21    sing N N 119 
6HG N2    H22    sing N N 120 
6HG N3    C4     sing N N 121 
6HT P     OP1    doub N N 122 
6HT P     OP2    sing N N 123 
6HT P     OP3    sing N N 124 
6HT P     "O5'"  sing N N 125 
6HT OP2   HOP2   sing N N 126 
6HT OP3   HOP3   sing N N 127 
6HT "O5'" "C5'"  sing N N 128 
6HT "C5'" "C4'"  sing N N 129 
6HT "C5'" "H5'"  sing N N 130 
6HT "C5'" "H5''" sing N N 131 
6HT "C4'" "O4'"  sing N N 132 
6HT "C4'" "C3'"  sing N N 133 
6HT "C4'" "H4'"  sing N N 134 
6HT "O4'" "C6'"  sing N N 135 
6HT "C3'" "O3'"  sing N N 136 
6HT "C3'" "C2'"  sing N N 137 
6HT "C3'" "H3'"  sing N N 138 
6HT "O3'" "HO3'" sing N N 139 
6HT "C2'" "C1'"  sing N N 140 
6HT "C2'" "H2'"  sing N N 141 
6HT "C2'" "H2''" sing N N 142 
6HT "C1'" "C6'"  sing N N 143 
6HT "C1'" N1     sing N N 144 
6HT "C1'" "H1'"  sing N N 145 
6HT "C6'" "H6'1" sing N N 146 
6HT "C6'" "H6'2" sing N N 147 
6HT N1    C2     sing N N 148 
6HT N1    C6     sing N N 149 
6HT C2    O2     doub N N 150 
6HT C2    N3     sing N N 151 
6HT N3    C4     sing N N 152 
6HT N3    H3     sing N N 153 
6HT C4    O4     doub N N 154 
6HT C4    C5     sing N N 155 
6HT C5    C5M    sing N N 156 
6HT C5    C6     doub N N 157 
6HT C5M   H71    sing N N 158 
6HT C5M   H72    sing N N 159 
6HT C5M   H73    sing N N 160 
6HT C6    H6     sing N N 161 
HOH O     H1     sing N N 162 
HOH O     H2     sing N N 163 
# 
_ndb_struct_conf_na.entry_id   481D 
_ndb_struct_conf_na.feature    'double helix' 
# 
loop_
_ndb_struct_na_base_pair.model_number 
_ndb_struct_na_base_pair.i_label_asym_id 
_ndb_struct_na_base_pair.i_label_comp_id 
_ndb_struct_na_base_pair.i_label_seq_id 
_ndb_struct_na_base_pair.i_symmetry 
_ndb_struct_na_base_pair.j_label_asym_id 
_ndb_struct_na_base_pair.j_label_comp_id 
_ndb_struct_na_base_pair.j_label_seq_id 
_ndb_struct_na_base_pair.j_symmetry 
_ndb_struct_na_base_pair.shear 
_ndb_struct_na_base_pair.stretch 
_ndb_struct_na_base_pair.stagger 
_ndb_struct_na_base_pair.buckle 
_ndb_struct_na_base_pair.propeller 
_ndb_struct_na_base_pair.opening 
_ndb_struct_na_base_pair.pair_number 
_ndb_struct_na_base_pair.pair_name 
_ndb_struct_na_base_pair.i_auth_asym_id 
_ndb_struct_na_base_pair.i_auth_seq_id 
_ndb_struct_na_base_pair.i_PDB_ins_code 
_ndb_struct_na_base_pair.j_auth_asym_id 
_ndb_struct_na_base_pair.j_auth_seq_id 
_ndb_struct_na_base_pair.j_PDB_ins_code 
_ndb_struct_na_base_pair.hbond_type_28 
_ndb_struct_na_base_pair.hbond_type_12 
1 A 6HG 1 1_555 A 6HC 8 6_555 -0.254 -0.212 -0.393 -12.443 16.520 -0.282 1 A_6HG1:6HC8_A A 1 ? A 8 ? 19 1 
1 A 6HT 2 1_555 A 6HA 7 6_555 0.035  -0.099 -0.015 -0.558  7.128  0.900  2 A_6HT2:6HA7_A A 2 ? A 7 ? 20 1 
1 A 6HG 3 1_555 A 6HC 6 6_555 -0.241 -0.175 0.100  3.903   1.571  -1.700 3 A_6HG3:6HC6_A A 3 ? A 6 ? 19 1 
1 A 6HT 4 1_555 A 6HA 5 6_555 -0.023 -0.123 -0.113 2.447   -0.785 0.885  4 A_6HT4:6HA5_A A 4 ? A 5 ? 20 1 
1 A 6HA 5 1_555 A 6HT 4 6_555 0.023  -0.123 -0.113 -2.447  -0.785 0.885  5 A_6HA5:6HT4_A A 5 ? A 4 ? 20 1 
1 A 6HC 6 1_555 A 6HG 3 6_555 0.241  -0.175 0.100  -3.903  1.571  -1.700 6 A_6HC6:6HG3_A A 6 ? A 3 ? 19 1 
1 A 6HA 7 1_555 A 6HT 2 6_555 -0.035 -0.099 -0.015 0.558   7.128  0.900  7 A_6HA7:6HT2_A A 7 ? A 2 ? 20 1 
1 A 6HC 8 1_555 A 6HG 1 6_555 0.254  -0.212 -0.393 12.443  16.520 -0.282 8 A_6HC8:6HG1_A A 8 ? A 1 ? 19 1 
# 
loop_
_ndb_struct_na_base_pair_step.model_number 
_ndb_struct_na_base_pair_step.i_label_asym_id_1 
_ndb_struct_na_base_pair_step.i_label_comp_id_1 
_ndb_struct_na_base_pair_step.i_label_seq_id_1 
_ndb_struct_na_base_pair_step.i_symmetry_1 
_ndb_struct_na_base_pair_step.j_label_asym_id_1 
_ndb_struct_na_base_pair_step.j_label_comp_id_1 
_ndb_struct_na_base_pair_step.j_label_seq_id_1 
_ndb_struct_na_base_pair_step.j_symmetry_1 
_ndb_struct_na_base_pair_step.i_label_asym_id_2 
_ndb_struct_na_base_pair_step.i_label_comp_id_2 
_ndb_struct_na_base_pair_step.i_label_seq_id_2 
_ndb_struct_na_base_pair_step.i_symmetry_2 
_ndb_struct_na_base_pair_step.j_label_asym_id_2 
_ndb_struct_na_base_pair_step.j_label_comp_id_2 
_ndb_struct_na_base_pair_step.j_label_seq_id_2 
_ndb_struct_na_base_pair_step.j_symmetry_2 
_ndb_struct_na_base_pair_step.shift 
_ndb_struct_na_base_pair_step.slide 
_ndb_struct_na_base_pair_step.rise 
_ndb_struct_na_base_pair_step.tilt 
_ndb_struct_na_base_pair_step.roll 
_ndb_struct_na_base_pair_step.twist 
_ndb_struct_na_base_pair_step.x_displacement 
_ndb_struct_na_base_pair_step.y_displacement 
_ndb_struct_na_base_pair_step.helical_rise 
_ndb_struct_na_base_pair_step.inclination 
_ndb_struct_na_base_pair_step.tip 
_ndb_struct_na_base_pair_step.helical_twist 
_ndb_struct_na_base_pair_step.step_number 
_ndb_struct_na_base_pair_step.step_name 
_ndb_struct_na_base_pair_step.i_auth_asym_id_1 
_ndb_struct_na_base_pair_step.i_auth_seq_id_1 
_ndb_struct_na_base_pair_step.i_PDB_ins_code_1 
_ndb_struct_na_base_pair_step.j_auth_asym_id_1 
_ndb_struct_na_base_pair_step.j_auth_seq_id_1 
_ndb_struct_na_base_pair_step.j_PDB_ins_code_1 
_ndb_struct_na_base_pair_step.i_auth_asym_id_2 
_ndb_struct_na_base_pair_step.i_auth_seq_id_2 
_ndb_struct_na_base_pair_step.i_PDB_ins_code_2 
_ndb_struct_na_base_pair_step.j_auth_asym_id_2 
_ndb_struct_na_base_pair_step.j_auth_seq_id_2 
_ndb_struct_na_base_pair_step.j_PDB_ins_code_2 
1 A 6HG 1 1_555 A 6HC 8 6_555 A 6HT 2 1_555 A 6HA 7 6_555 -0.237 -2.851 3.272 -0.390 4.004 25.617 -7.388  0.428  2.804 8.959  
0.873  25.925 1 AA_6HG16HT2:6HA76HC8_AA A 1 ? A 8 ? A 2 ? A 7 ? 
1 A 6HT 2 1_555 A 6HA 7 6_555 A 6HG 3 1_555 A 6HC 6 6_555 -0.020 -2.018 3.214 -1.357 1.457 27.269 -4.619  -0.284 3.102 3.085  
2.873  27.340 2 AA_6HT26HG3:6HC66HA7_AA A 2 ? A 7 ? A 3 ? A 6 ? 
1 A 6HG 3 1_555 A 6HC 6 6_555 A 6HT 4 1_555 A 6HA 5 6_555 0.560  -2.899 3.294 2.304  4.103 29.900 -6.346  -0.628 2.914 7.890  
-4.432 30.260 3 AA_6HG36HT4:6HA56HC6_AA A 3 ? A 6 ? A 4 ? A 5 ? 
1 A 6HT 4 1_555 A 6HA 5 6_555 A 6HA 5 1_555 A 6HT 4 6_555 0.000  -4.203 3.442 0.000  6.800 15.714 -17.544 0.000  1.503 23.489 
0.000  17.114 4 AA_6HT46HA5:6HT46HA5_AA A 4 ? A 5 ? A 5 ? A 4 ? 
1 A 6HA 5 1_555 A 6HT 4 6_555 A 6HC 6 1_555 A 6HG 3 6_555 -0.560 -2.899 3.294 -2.305 4.103 29.900 -6.346  0.628  2.914 7.890  
4.432  30.260 5 AA_6HA56HC6:6HG36HT4_AA A 5 ? A 4 ? A 6 ? A 3 ? 
1 A 6HC 6 1_555 A 6HG 3 6_555 A 6HA 7 1_555 A 6HT 2 6_555 0.020  -2.018 3.214 1.357  1.457 27.269 -4.619  0.284  3.102 3.085  
-2.873 27.340 6 AA_6HC66HA7:6HT26HG3_AA A 6 ? A 3 ? A 7 ? A 2 ? 
1 A 6HA 7 1_555 A 6HT 2 6_555 A 6HC 8 1_555 A 6HG 1 6_555 0.237  -2.851 3.272 0.390  4.004 25.617 -7.388  -0.428 2.804 8.959  
-0.873 25.925 7 AA_6HA76HC8:6HG16HT2_AA A 7 ? A 2 ? A 8 ? A 1 ? 
# 
_pdbx_initial_refinement_model.accession_code   1D7Z 
_pdbx_initial_refinement_model.id               1 
_pdbx_initial_refinement_model.entity_id_list   ? 
_pdbx_initial_refinement_model.type             'experimental model' 
_pdbx_initial_refinement_model.source_name      PDB 
_pdbx_initial_refinement_model.details          '2.21A P 62 2 2 STRUCTURE OF H(GTGTACAC) (NDB CODE HD0002) WAS USED AS MODEL' 
# 
_atom_sites.entry_id                    481D 
_atom_sites.fract_transf_matrix[1][1]   0.02784130 
_atom_sites.fract_transf_matrix[1][2]   0.00962348 
_atom_sites.fract_transf_matrix[1][3]   0.01880324 
_atom_sites.fract_transf_matrix[2][1]   0.03047218 
_atom_sites.fract_transf_matrix[2][2]   0.00634808 
_atom_sites.fract_transf_matrix[2][3]   -0.01589058 
_atom_sites.fract_transf_matrix[3][1]   -0.00661371 
_atom_sites.fract_transf_matrix[3][2]   0.02466329 
_atom_sites.fract_transf_matrix[3][3]   -0.00282996 
_atom_sites.fract_transf_vector[1]      0.312907 
_atom_sites.fract_transf_vector[2]      0.265071 
_atom_sites.fract_transf_vector[3]      -0.024526 
# 
loop_
_atom_type.symbol 
C 
N 
O 
P 
# 
loop_
_atom_site.group_PDB 
_atom_site.id 
_atom_site.type_symbol 
_atom_site.label_atom_id 
_atom_site.label_alt_id 
_atom_site.label_comp_id 
_atom_site.label_asym_id 
_atom_site.label_entity_id 
_atom_site.label_seq_id 
_atom_site.pdbx_PDB_ins_code 
_atom_site.Cartn_x 
_atom_site.Cartn_y 
_atom_site.Cartn_z 
_atom_site.occupancy 
_atom_site.B_iso_or_equiv 
_atom_site.pdbx_formal_charge 
_atom_site.auth_seq_id 
_atom_site.auth_comp_id 
_atom_site.auth_asym_id 
_atom_site.auth_atom_id 
_atom_site.pdbx_PDB_model_num 
HETATM 1   O "O5'" . 6HG A 1 1 ? -11.889 6.171   -11.370 1.00 14.38 ? 1  6HG A "O5'" 1 
HETATM 2   C "C5'" . 6HG A 1 1 ? -10.649 5.829   -10.644 1.00 8.33  ? 1  6HG A "C5'" 1 
HETATM 3   C "C4'" . 6HG A 1 1 ? -9.610  6.924   -10.933 1.00 10.01 ? 1  6HG A "C4'" 1 
HETATM 4   O "O4'" . 6HG A 1 1 ? -10.239 8.095   -10.377 1.00 9.51  ? 1  6HG A "O4'" 1 
HETATM 5   C "C3'" . 6HG A 1 1 ? -8.310  6.661   -10.154 1.00 13.63 ? 1  6HG A "C3'" 1 
HETATM 6   O "O3'" . 6HG A 1 1 ? -7.732  5.499   -10.859 1.00 11.28 ? 1  6HG A "O3'" 1 
HETATM 7   C "C2'" . 6HG A 1 1 ? -7.325  7.846   -10.557 1.00 8.60  ? 1  6HG A "C2'" 1 
HETATM 8   C "C1'" . 6HG A 1 1 ? -8.091  9.255   -10.120 1.00 8.99  ? 1  6HG A "C1'" 1 
HETATM 9   C "C6'" . 6HG A 1 1 ? -9.517  9.204   -10.864 1.00 10.78 ? 1  6HG A "C6'" 1 
HETATM 10  N N9    . 6HG A 1 1 ? -8.112  9.427   -8.666  1.00 10.36 ? 1  6HG A N9    1 
HETATM 11  C C8    . 6HG A 1 1 ? -9.123  9.202   -7.746  1.00 10.46 ? 1  6HG A C8    1 
HETATM 12  N N7    . 6HG A 1 1 ? -8.792  9.465   -6.528  1.00 14.67 ? 1  6HG A N7    1 
HETATM 13  C C5    . 6HG A 1 1 ? -7.480  9.901   -6.608  1.00 11.78 ? 1  6HG A C5    1 
HETATM 14  C C6    . 6HG A 1 1 ? -6.596  10.325  -5.605  1.00 11.33 ? 1  6HG A C6    1 
HETATM 15  O O6    . 6HG A 1 1 ? -6.742  10.426  -4.373  1.00 14.53 ? 1  6HG A O6    1 
HETATM 16  N N1    . 6HG A 1 1 ? -5.373  10.675  -6.130  1.00 10.05 ? 1  6HG A N1    1 
HETATM 17  C C2    . 6HG A 1 1 ? -5.020  10.632  -7.448  1.00 11.77 ? 1  6HG A C2    1 
HETATM 18  N N2    . 6HG A 1 1 ? -3.756  11.023  -7.761  1.00 10.80 ? 1  6HG A N2    1 
HETATM 19  N N3    . 6HG A 1 1 ? -5.851  10.231  -8.407  1.00 10.85 ? 1  6HG A N3    1 
HETATM 20  C C4    . 6HG A 1 1 ? -7.053  9.882   -7.925  1.00 8.09  ? 1  6HG A C4    1 
HETATM 21  P P     . 6HT A 1 2 ? -6.982  4.380   -10.019 1.00 11.30 ? 2  6HT A P     1 
HETATM 22  O OP1   . 6HT A 1 2 ? -6.935  3.183   -10.899 1.00 13.17 ? 2  6HT A OP1   1 
HETATM 23  O OP2   . 6HT A 1 2 ? -7.462  4.270   -8.648  1.00 11.86 ? 2  6HT A OP2   1 
HETATM 24  O "O5'" . 6HT A 1 2 ? -5.506  4.873   -9.991  1.00 12.02 ? 2  6HT A "O5'" 1 
HETATM 25  C "C5'" . 6HT A 1 2 ? -4.724  5.229   -11.168 1.00 7.97  ? 2  6HT A "C5'" 1 
HETATM 26  C "C4'" . 6HT A 1 2 ? -3.537  6.116   -10.818 1.00 9.32  ? 2  6HT A "C4'" 1 
HETATM 27  O "O4'" . 6HT A 1 2 ? -4.206  7.294   -10.316 1.00 9.73  ? 2  6HT A "O4'" 1 
HETATM 28  C "C3'" . 6HT A 1 2 ? -2.731  5.447   -9.668  1.00 11.34 ? 2  6HT A "C3'" 1 
HETATM 29  O "O3'" . 6HT A 1 2 ? -1.987  4.369   -10.354 1.00 12.02 ? 2  6HT A "O3'" 1 
HETATM 30  C "C2'" . 6HT A 1 2 ? -1.564  6.457   -9.268  1.00 8.60  ? 2  6HT A "C2'" 1 
HETATM 31  C "C1'" . 6HT A 1 2 ? -2.332  7.860   -8.833  1.00 8.84  ? 2  6HT A "C1'" 1 
HETATM 32  C "C6'" . 6HT A 1 2 ? -3.247  8.284   -10.078 1.00 9.66  ? 2  6HT A "C6'" 1 
HETATM 33  N N1    . 6HT A 1 2 ? -2.895  7.807   -7.490  1.00 9.91  ? 2  6HT A N1    1 
HETATM 34  C C2    . 6HT A 1 2 ? -2.097  8.265   -6.441  1.00 8.29  ? 2  6HT A C2    1 
HETATM 35  O O2    . 6HT A 1 2 ? -0.990  8.656   -6.660  1.00 11.42 ? 2  6HT A O2    1 
HETATM 36  N N3    . 6HT A 1 2 ? -2.725  8.164   -5.226  1.00 13.57 ? 2  6HT A N3    1 
HETATM 37  C C4    . 6HT A 1 2 ? -3.996  7.720   -4.954  1.00 13.73 ? 2  6HT A C4    1 
HETATM 38  O O4    . 6HT A 1 2 ? -4.452  7.664   -3.800  1.00 14.51 ? 2  6HT A O4    1 
HETATM 39  C C5    . 6HT A 1 2 ? -4.721  7.227   -6.082  1.00 10.80 ? 2  6HT A C5    1 
HETATM 40  C C5M   . 6HT A 1 2 ? -6.140  6.692   -5.932  1.00 21.68 ? 2  6HT A C5M   1 
HETATM 41  C C6    . 6HT A 1 2 ? -4.157  7.314   -7.296  1.00 10.98 ? 2  6HT A C6    1 
HETATM 42  P P     . 6HG A 1 3 ? -1.454  3.116   -9.512  1.00 13.71 ? 3  6HG A P     1 
HETATM 43  O OP1   . 6HG A 1 3 ? -0.991  2.150   -10.539 1.00 16.27 ? 3  6HG A OP1   1 
HETATM 44  O OP2   . 6HG A 1 3 ? -2.317  2.743   -8.401  1.00 15.45 ? 3  6HG A OP2   1 
HETATM 45  O "O5'" . 6HG A 1 3 ? -0.169  3.612   -8.769  1.00 13.39 ? 3  6HG A "O5'" 1 
HETATM 46  C "C5'" . 6HG A 1 3 ? 1.075   3.869   -9.475  1.00 15.70 ? 3  6HG A "C5'" 1 
HETATM 47  C "C4'" . 6HG A 1 3 ? 2.062   4.719   -8.675  1.00 10.23 ? 3  6HG A "C4'" 1 
HETATM 48  O "O4'" . 6HG A 1 3 ? 1.272   5.915   -8.496  1.00 12.18 ? 3  6HG A "O4'" 1 
HETATM 49  C "C3'" . 6HG A 1 3 ? 2.300   4.073   -7.291  1.00 10.25 ? 3  6HG A "C3'" 1 
HETATM 50  O "O3'" . 6HG A 1 3 ? 3.268   3.000   -7.561  1.00 11.73 ? 3  6HG A "O3'" 1 
HETATM 51  C "C2'" . 6HG A 1 3 ? 3.136   5.105   -6.440  1.00 12.61 ? 3  6HG A "C2'" 1 
HETATM 52  C "C1'" . 6HG A 1 3 ? 2.216   6.511   -6.332  1.00 13.70 ? 3  6HG A "C1'" 1 
HETATM 53  C "C6'" . 6HG A 1 3 ? 1.973   6.924   -7.857  1.00 13.23 ? 3  6HG A "C6'" 1 
HETATM 54  N N9    . 6HG A 1 3 ? 1.053   6.132   -5.486  1.00 11.71 ? 3  6HG A N9    1 
HETATM 55  C C8    . 6HG A 1 3 ? -0.174  5.580   -5.750  1.00 11.16 ? 3  6HG A C8    1 
HETATM 56  N N7    . 6HG A 1 3 ? -0.901  5.410   -4.686  1.00 10.36 ? 3  6HG A N7    1 
HETATM 57  C C5    . 6HG A 1 3 ? -0.079  5.894   -3.637  1.00 8.05  ? 3  6HG A C5    1 
HETATM 58  C C6    . 6HG A 1 3 ? -0.311  5.972   -2.236  1.00 9.43  ? 3  6HG A C6    1 
HETATM 59  O O6    . 6HG A 1 3 ? -1.312  5.633   -1.590  1.00 13.10 ? 3  6HG A O6    1 
HETATM 60  N N1    . 6HG A 1 3 ? 0.764   6.519   -1.530  1.00 10.09 ? 3  6HG A N1    1 
HETATM 61  C C2    . 6HG A 1 3 ? 1.937   6.938   -2.116  1.00 11.13 ? 3  6HG A C2    1 
HETATM 62  N N2    . 6HG A 1 3 ? 2.906   7.448   -1.338  1.00 10.09 ? 3  6HG A N2    1 
HETATM 63  N N3    . 6HG A 1 3 ? 2.161   6.866   -3.436  1.00 12.12 ? 3  6HG A N3    1 
HETATM 64  C C4    . 6HG A 1 3 ? 1.113   6.335   -4.115  1.00 7.85  ? 3  6HG A C4    1 
HETATM 65  P P     . 6HT A 1 4 ? 3.181   1.626   -6.784  1.00 13.72 ? 4  6HT A P     1 
HETATM 66  O OP1   . 6HT A 1 4 ? 4.099   0.741   -7.517  1.00 16.82 ? 4  6HT A OP1   1 
HETATM 67  O OP2   . 6HT A 1 4 ? 1.831   1.284   -6.331  1.00 14.71 ? 4  6HT A OP2   1 
HETATM 68  O "O5'" . 6HT A 1 4 ? 3.924   1.982   -5.443  1.00 13.74 ? 4  6HT A "O5'" 1 
HETATM 69  C "C5'" . 6HT A 1 4 ? 5.313   2.350   -5.395  1.00 10.88 ? 4  6HT A "C5'" 1 
HETATM 70  C "C4'" . 6HT A 1 4 ? 5.677   3.007   -4.056  1.00 10.97 ? 4  6HT A "C4'" 1 
HETATM 71  O "O4'" . 6HT A 1 4 ? 4.725   4.089   -4.068  1.00 10.53 ? 4  6HT A "O4'" 1 
HETATM 72  C "C3'" . 6HT A 1 4 ? 5.313   2.035   -2.915  1.00 12.35 ? 4  6HT A "C3'" 1 
HETATM 73  O "O3'" . 6HT A 1 4 ? 6.417   1.052   -2.934  1.00 13.67 ? 4  6HT A "O3'" 1 
HETATM 74  C "C2'" . 6HT A 1 4 ? 5.543   2.830   -1.561  1.00 10.30 ? 4  6HT A "C2'" 1 
HETATM 75  C "C1'" . 6HT A 1 4 ? 4.536   4.174   -1.607  1.00 10.36 ? 4  6HT A "C1'" 1 
HETATM 76  C "C6'" . 6HT A 1 4 ? 4.878   4.908   -2.965  1.00 9.29  ? 4  6HT A "C6'" 1 
HETATM 77  N N1    . 6HT A 1 4 ? 3.153   3.749   -1.296  1.00 10.29 ? 4  6HT A N1    1 
HETATM 78  C C2    . 6HT A 1 4 ? 2.716   3.782   0.005   1.00 6.51  ? 4  6HT A C2    1 
HETATM 79  O O2    . 6HT A 1 4 ? 3.400   4.137   0.958   1.00 11.34 ? 4  6HT A O2    1 
HETATM 80  N N3    . 6HT A 1 4 ? 1.426   3.388   0.167   1.00 9.62  ? 4  6HT A N3    1 
HETATM 81  C C4    . 6HT A 1 4 ? 0.571   2.938   -0.811  1.00 13.39 ? 4  6HT A C4    1 
HETATM 82  O O4    . 6HT A 1 4 ? -0.574  2.578   -0.506  1.00 14.89 ? 4  6HT A O4    1 
HETATM 83  C C5    . 6HT A 1 4 ? 1.110   2.923   -2.144  1.00 9.65  ? 4  6HT A C5    1 
HETATM 84  C C5M   . 6HT A 1 4 ? 0.300   2.511   -3.347  1.00 9.41  ? 4  6HT A C5M   1 
HETATM 85  C C6    . 6HT A 1 4 ? 2.355   3.358   -2.336  1.00 10.00 ? 4  6HT A C6    1 
HETATM 86  P P     . 6HA A 1 5 ? 6.119   -0.405  -2.366  1.00 12.71 ? 5  6HA A P     1 
HETATM 87  O OP1   . 6HA A 1 5 ? 7.351   -1.187  -2.718  1.00 14.37 ? 5  6HA A OP1   1 
HETATM 88  O OP2   . 6HA A 1 5 ? 4.789   -0.961  -2.703  1.00 13.45 ? 5  6HA A OP2   1 
HETATM 89  O "O5'" . 6HA A 1 5 ? 6.264   -0.156  -0.835  1.00 9.76  ? 5  6HA A "O5'" 1 
HETATM 90  C "C5'" . 6HA A 1 5 ? 5.647   -0.999  0.183   1.00 14.13 ? 5  6HA A "C5'" 1 
HETATM 91  C "C4'" . 6HA A 1 5 ? 5.672   -0.330  1.560   1.00 9.80  ? 5  6HA A "C4'" 1 
HETATM 92  O "O4'" . 6HA A 1 5 ? 4.683   0.719   1.369   1.00 10.09 ? 5  6HA A "O4'" 1 
HETATM 93  C "C3'" . 6HA A 1 5 ? 4.977   -1.355  2.532   1.00 9.28  ? 5  6HA A "C3'" 1 
HETATM 94  O "O3'" . 6HA A 1 5 ? 6.127   -2.289  2.741   1.00 11.86 ? 5  6HA A "O3'" 1 
HETATM 95  C "C2'" . 6HA A 1 5 ? 4.898   -0.600  3.913   1.00 8.95  ? 5  6HA A "C2'" 1 
HETATM 96  C "C1'" . 6HA A 1 5 ? 4.022   0.801   3.700   1.00 13.00 ? 5  6HA A "C1'" 1 
HETATM 97  C "C6'" . 6HA A 1 5 ? 4.740   1.562   2.483   1.00 9.54  ? 5  6HA A "C6'" 1 
HETATM 98  N N9    . 6HA A 1 5 ? 2.616   0.433   3.439   1.00 9.40  ? 5  6HA A N9    1 
HETATM 99  C C8    . 6HA A 1 5 ? 1.928   0.214   2.265   1.00 8.73  ? 5  6HA A C8    1 
HETATM 100 N N7    . 6HA A 1 5 ? 0.677   -0.100  2.454   1.00 11.21 ? 5  6HA A N7    1 
HETATM 101 C C5    . 6HA A 1 5 ? 0.541   -0.088  3.857   1.00 9.88  ? 5  6HA A C5    1 
HETATM 102 C C6    . 6HA A 1 5 ? -0.555  -0.339  4.693   1.00 9.39  ? 5  6HA A C6    1 
HETATM 103 N N6    . 6HA A 1 5 ? -1.759  -0.658  4.250   1.00 9.52  ? 5  6HA A N6    1 
HETATM 104 N N1    . 6HA A 1 5 ? -0.395  -0.246  6.059   1.00 13.41 ? 5  6HA A N1    1 
HETATM 105 C C2    . 6HA A 1 5 ? 0.824   0.082   6.488   1.00 11.98 ? 5  6HA A C2    1 
HETATM 106 N N3    . 6HA A 1 5 ? 1.931   0.339   5.771   1.00 9.48  ? 5  6HA A N3    1 
HETATM 107 C C4    . 6HA A 1 5 ? 1.735   0.243   4.470   1.00 6.81  ? 5  6HA A C4    1 
HETATM 108 P P     . 6HC A 1 6 ? 5.822   -3.791  3.167   1.00 15.48 ? 6  6HC A P     1 
HETATM 109 O OP1   . 6HC A 1 6 ? 7.113   -4.519  3.002   1.00 13.27 ? 6  6HC A OP1   1 
HETATM 110 O OP2   . 6HC A 1 6 ? 4.579   -4.245  2.506   1.00 13.75 ? 6  6HC A OP2   1 
HETATM 111 O "O5'" . 6HC A 1 6 ? 5.473   -3.795  4.688   1.00 12.37 ? 6  6HC A "O5'" 1 
HETATM 112 C "C5'" . 6HC A 1 6 ? 6.393   -3.424  5.748   1.00 9.53  ? 6  6HC A "C5'" 1 
HETATM 113 C "C4'" . 6HC A 1 6 ? 5.730   -3.197  7.099   1.00 9.10  ? 6  6HC A "C4'" 1 
HETATM 114 O "O4'" . 6HC A 1 6 ? 4.879   -2.054  6.853   1.00 11.16 ? 6  6HC A "O4'" 1 
HETATM 115 C "C3'" . 6HC A 1 6 ? 4.880   -4.450  7.411   1.00 9.72  ? 6  6HC A "C3'" 1 
HETATM 116 O "O3'" . 6HC A 1 6 ? 5.862   -5.465  7.844   1.00 14.01 ? 6  6HC A "O3'" 1 
HETATM 117 C "C2'" . 6HC A 1 6 ? 4.061   -4.147  8.721   1.00 11.55 ? 6  6HC A "C2'" 1 
HETATM 118 C "C1'" . 6HC A 1 6 ? 3.200   -2.773  8.462   1.00 12.13 ? 6  6HC A "C1'" 1 
HETATM 119 C "C6'" . 6HC A 1 6 ? 4.257   -1.636  8.024   1.00 12.01 ? 6  6HC A "C6'" 1 
HETATM 120 N N1    . 6HC A 1 6 ? 2.015   -3.038  7.618   1.00 7.07  ? 6  6HC A N1    1 
HETATM 121 C C2    . 6HC A 1 6 ? 0.845   -3.397  8.267   1.00 7.96  ? 6  6HC A C2    1 
HETATM 122 O O2    . 6HC A 1 6 ? 0.903   -3.490  9.503   1.00 9.20  ? 6  6HC A O2    1 
HETATM 123 N N3    . 6HC A 1 6 ? -0.299  -3.642  7.543   1.00 11.39 ? 6  6HC A N3    1 
HETATM 124 C C4    . 6HC A 1 6 ? -0.233  -3.541  6.211   1.00 9.37  ? 6  6HC A C4    1 
HETATM 125 N N4    . 6HC A 1 6 ? -1.347  -3.793  5.510   1.00 12.25 ? 6  6HC A N4    1 
HETATM 126 C C5    . 6HC A 1 6 ? 0.961   -3.189  5.523   1.00 11.62 ? 6  6HC A C5    1 
HETATM 127 C C6    . 6HC A 1 6 ? 2.080   -2.956  6.254   1.00 8.67  ? 6  6HC A C6    1 
HETATM 128 P P     . 6HA A 1 7 ? 5.536   -6.994  7.571   1.00 15.99 ? 7  6HA A P     1 
HETATM 129 O OP1   . 6HA A 1 7 ? 6.831   -7.696  7.781   1.00 21.54 ? 7  6HA A OP1   1 
HETATM 130 O OP2   . 6HA A 1 7 ? 4.702   -7.315  6.413   1.00 13.06 ? 7  6HA A OP2   1 
HETATM 131 O "O5'" . 6HA A 1 7 ? 4.638   -7.433  8.777   1.00 12.21 ? 7  6HA A "O5'" 1 
HETATM 132 C "C5'" . 6HA A 1 7 ? 5.143   -7.377  10.133  1.00 11.43 ? 7  6HA A "C5'" 1 
HETATM 133 C "C4'" . 6HA A 1 7 ? 3.981   -7.502  11.138  1.00 9.31  ? 7  6HA A "C4'" 1 
HETATM 134 O "O4'" . 6HA A 1 7 ? 3.251   -6.303  10.816  1.00 8.50  ? 7  6HA A "O4'" 1 
HETATM 135 C "C3'" . 6HA A 1 7 ? 3.054   -8.663  10.649  1.00 8.10  ? 7  6HA A "C3'" 1 
HETATM 136 O "O3'" . 6HA A 1 7 ? 3.772   -9.845  11.133  1.00 9.02  ? 7  6HA A "O3'" 1 
HETATM 137 C "C2'" . 6HA A 1 7 ? 1.787   -8.638  11.604  1.00 14.25 ? 7  6HA A "C2'" 1 
HETATM 138 C "C1'" . 6HA A 1 7 ? 1.027   -7.171  11.399  1.00 10.57 ? 7  6HA A "C1'" 1 
HETATM 139 C "C6'" . 6HA A 1 7 ? 2.185   -6.085  11.673  1.00 8.60  ? 7  6HA A "C6'" 1 
HETATM 140 N N9    . 6HA A 1 7 ? 0.466   -7.116  10.030  1.00 11.40 ? 7  6HA A N9    1 
HETATM 141 C C8    . 6HA A 1 7 ? 1.014   -6.851  8.800   1.00 9.86  ? 7  6HA A C8    1 
HETATM 142 N N7    . 6HA A 1 7 ? 0.143   -6.906  7.798   1.00 10.44 ? 7  6HA A N7    1 
HETATM 143 C C5    . 6HA A 1 7 ? -1.050  -7.229  8.435   1.00 7.95  ? 7  6HA A C5    1 
HETATM 144 C C6    . 6HA A 1 7 ? -2.366  -7.437  7.932   1.00 12.42 ? 7  6HA A C6    1 
HETATM 145 N N6    . 6HA A 1 7 ? -2.728  -7.356  6.670   1.00 13.18 ? 7  6HA A N6    1 
HETATM 146 N N1    . 6HA A 1 7 ? -3.329  -7.753  8.859   1.00 9.60  ? 7  6HA A N1    1 
HETATM 147 C C2    . 6HA A 1 7 ? -2.990  -7.841  10.137  1.00 10.67 ? 7  6HA A C2    1 
HETATM 148 N N3    . 6HA A 1 7 ? -1.799  -7.664  10.719  1.00 12.58 ? 7  6HA A N3    1 
HETATM 149 C C4    . 6HA A 1 7 ? -0.869  -7.360  9.782   1.00 9.72  ? 7  6HA A C4    1 
HETATM 150 P P     . 6HC A 1 8 ? 3.707   -11.222 10.324  1.00 11.11 ? 8  6HC A P     1 
HETATM 151 O OP1   . 6HC A 1 8 ? 4.781   -11.998 11.010  1.00 12.61 ? 8  6HC A OP1   1 
HETATM 152 O OP2   . 6HC A 1 8 ? 3.693   -11.018 8.855   1.00 11.67 ? 8  6HC A OP2   1 
HETATM 153 O "O5'" . 6HC A 1 8 ? 2.285   -11.800 10.647  1.00 11.09 ? 8  6HC A "O5'" 1 
HETATM 154 C "C5'" . 6HC A 1 8 ? 1.986   -12.302 11.976  1.00 10.83 ? 8  6HC A "C5'" 1 
HETATM 155 C "C4'" . 6HC A 1 8 ? 0.490   -12.601 12.162  1.00 10.27 ? 8  6HC A "C4'" 1 
HETATM 156 O "O4'" . 6HC A 1 8 ? -0.059  -11.284 11.984  1.00 8.78  ? 8  6HC A "O4'" 1 
HETATM 157 C "C3'" . 6HC A 1 8 ? -0.019  -13.440 10.968  1.00 12.40 ? 8  6HC A "C3'" 1 
HETATM 158 O "O3'" . 6HC A 1 8 ? 0.489   -14.791 11.192  1.00 9.10  ? 8  6HC A "O3'" 1 
HETATM 159 C "C2'" . 6HC A 1 8 ? -1.571  -13.537 11.085  1.00 11.18 ? 8  6HC A "C2'" 1 
HETATM 160 C "C1'" . 6HC A 1 8 ? -2.250  -12.001 11.212  1.00 6.43  ? 8  6HC A "C1'" 1 
HETATM 161 C "C6'" . 6HC A 1 8 ? -1.403  -11.224 12.287  1.00 6.74  ? 8  6HC A "C6'" 1 
HETATM 162 N N1    . 6HC A 1 8 ? -2.405  -11.576 9.814   1.00 10.33 ? 8  6HC A N1    1 
HETATM 163 C C2    . 6HC A 1 8 ? -3.694  -11.652 9.273   1.00 10.23 ? 8  6HC A C2    1 
HETATM 164 O O2    . 6HC A 1 8 ? -4.654  -12.047 9.980   1.00 10.57 ? 8  6HC A O2    1 
HETATM 165 N N3    . 6HC A 1 8 ? -3.835  -11.261 7.982   1.00 8.92  ? 8  6HC A N3    1 
HETATM 166 C C4    . 6HC A 1 8 ? -2.795  -10.826 7.278   1.00 9.28  ? 8  6HC A C4    1 
HETATM 167 N N4    . 6HC A 1 8 ? -2.930  -10.494 5.993   1.00 10.71 ? 8  6HC A N4    1 
HETATM 168 C C5    . 6HC A 1 8 ? -1.478  -10.735 7.830   1.00 8.08  ? 8  6HC A C5    1 
HETATM 169 C C6    . 6HC A 1 8 ? -1.336  -11.085 9.095   1.00 6.61  ? 8  6HC A C6    1 
HETATM 170 O O     . HOH B 2 . ? -13.128 8.516   -10.778 1.00 14.53 ? 9  HOH A O     1 
HETATM 171 O O     . HOH B 2 . ? 2.438   -15.210 9.167   1.00 14.69 ? 10 HOH A O     1 
HETATM 172 O O     . HOH B 2 . ? 2.296   -12.960 7.545   1.00 21.47 ? 11 HOH A O     1 
HETATM 173 O O     . HOH B 2 . ? -7.219  3.924   -13.623 1.00 18.02 ? 12 HOH A O     1 
HETATM 174 O O     . HOH B 2 . ? 4.717   -14.785 10.632  1.00 18.47 ? 13 HOH A O     1 
HETATM 175 O O     . HOH B 2 . ? -3.221  4.415   -5.047  1.00 21.24 ? 14 HOH A O     1 
HETATM 176 O O     . HOH B 2 . ? -9.524  4.969   -7.115  1.00 19.68 ? 15 HOH A O     1 
HETATM 177 O O     . HOH B 2 . ? 0.771   -15.898 13.579  1.00 20.49 ? 16 HOH A O     1 
HETATM 178 O O     . HOH B 2 . ? -1.473  11.600  -9.988  1.00 20.37 ? 17 HOH A O     1 
HETATM 179 O O     . HOH B 2 . ? 2.961   -9.342  6.762   1.00 23.34 ? 18 HOH A O     1 
HETATM 180 O O     . HOH B 2 . ? 3.335   -6.245  4.261   1.00 22.39 ? 19 HOH A O     1 
HETATM 181 O O     . HOH B 2 . ? 1.730   -0.504  -4.342  1.00 30.11 ? 20 HOH A O     1 
HETATM 182 O O     . HOH B 2 . ? -0.958  1.230   -6.478  1.00 21.28 ? 21 HOH A O     1 
HETATM 183 O O     . HOH B 2 . ? -11.747 7.688   -13.523 1.00 28.99 ? 22 HOH A O     1 
HETATM 184 O O     . HOH B 2 . ? 2.088   -0.306  -1.392  1.00 27.13 ? 23 HOH A O     1 
HETATM 185 O O     . HOH B 2 . ? -0.036  10.815  -7.462  1.00 30.80 ? 24 HOH A O     1 
HETATM 186 O O     . HOH B 2 . ? -4.291  4.930   -2.156  1.00 31.98 ? 25 HOH A O     1 
HETATM 187 O O     . HOH B 2 . ? 0.797   -6.762  5.200   1.00 21.57 ? 26 HOH A O     1 
HETATM 188 O O     . HOH B 2 . ? 8.927   -2.779  1.585   1.00 27.16 ? 27 HOH A O     1 
HETATM 189 O O     . HOH B 2 . ? 7.414   -9.942  8.108   1.00 29.53 ? 28 HOH A O     1 
HETATM 190 O O     . HOH B 2 . ? -1.015  -3.862  2.977   1.00 35.19 ? 29 HOH A O     1 
HETATM 191 O O     . HOH B 2 . ? -5.180  1.192   -11.077 1.00 30.15 ? 30 HOH A O     1 
HETATM 192 O O     . HOH B 2 . ? 7.156   -10.811 10.905  1.00 31.27 ? 31 HOH A O     1 
HETATM 193 O O     . HOH B 2 . ? -0.467  -9.685  4.541   1.00 22.92 ? 32 HOH A O     1 
HETATM 194 O O     . HOH B 2 . ? 11.287  -4.154  1.580   1.00 27.19 ? 33 HOH A O     1 
HETATM 195 O O     . HOH B 2 . ? 3.423   1.504   7.886   1.00 28.44 ? 34 HOH A O     1 
HETATM 196 O O     . HOH B 2 . ? -0.938  12.134  -12.575 1.00 29.74 ? 35 HOH A O     1 
HETATM 197 O O     . HOH B 2 . ? -1.237  -7.287  3.890   1.00 34.19 ? 36 HOH A O     1 
HETATM 198 O O     . HOH B 2 . ? 2.082   -3.619  2.407   1.00 28.02 ? 37 HOH A O     1 
HETATM 199 O O     . HOH B 2 . ? -7.361  8.152   -3.067  1.00 38.96 ? 39 HOH A O     1 
HETATM 200 O O     . HOH B 2 . ? 1.868   -2.576  -0.410  1.00 24.86 ? 40 HOH A O     1 
HETATM 201 O O     . HOH B 2 . ? -1.507  -0.924  1.068   1.00 31.32 ? 41 HOH A O     1 
HETATM 202 O O     . HOH B 2 . ? 2.061   11.754  -6.836  1.00 27.94 ? 42 HOH A O     1 
HETATM 203 O O     . HOH B 2 . ? 9.083   -6.942  6.202   1.00 30.52 ? 43 HOH A O     1 
HETATM 204 O O     . HOH B 2 . ? -1.458  -5.582  13.179  1.00 26.07 ? 44 HOH A O     1 
HETATM 205 O O     . HOH B 2 . ? 0.001   9.817   -13.965 1.00 36.31 ? 45 HOH A O     1 
HETATM 206 O O     . HOH B 2 . ? -4.567  3.186   -7.304  1.00 48.03 ? 46 HOH A O     1 
HETATM 207 O O     . HOH B 2 . ? 4.011   10.921  -8.983  1.00 59.44 ? 47 HOH A O     1 
HETATM 208 O O     . HOH B 2 . ? 0.777   9.876   -9.676  1.00 44.49 ? 48 HOH A O     1 
HETATM 209 O O     . HOH B 2 . ? -14.083 6.991   -15.266 1.00 45.96 ? 49 HOH A O     1 
# 
